data_3ZXE
#
_entry.id   3ZXE
#
_cell.length_a   35.287
_cell.length_b   53.459
_cell.length_c   138.646
_cell.angle_alpha   90.00
_cell.angle_beta   90.00
_cell.angle_gamma   90.00
#
_symmetry.space_group_name_H-M   'P 21 21 21'
#
loop_
_entity.id
_entity.type
_entity.pdbx_description
1 polymer GALECTIN-7
2 non-polymer 'METHYL 2-O-[(S)-(BENZYLOXY)(HYDROXY)PHOSPHORYL]-3-DEOXY-3-{[(4-METHYLPHENYL)CARBONYL]AMINO}-1-THIO-BETA-D-GALACTOPYRANOSIDE'
3 water water
#
_entity_poly.entity_id   1
_entity_poly.type   'polypeptide(L)'
_entity_poly.pdbx_seq_one_letter_code
;VPHKSSLPEGIRPGTVLRIRGLVPPNASRFHVNLLCGEEQGSDAALHFNPRLDTSEVVFNSKEQGSWGREERGPGVPFQR
GQPFEVLIIASDDGFKAVVGDAQYHHFRHRLPLARVRLVEVGGDVQLDSVRIF
;
_entity_poly.pdbx_strand_id   A,B
#
# COMPACT_ATOMS: atom_id res chain seq x y z
N PRO A 2 2.23 -3.13 -24.39
CA PRO A 2 2.42 -2.27 -23.21
C PRO A 2 1.10 -1.83 -22.61
N HIS A 3 1.06 -1.74 -21.28
CA HIS A 3 -0.15 -1.38 -20.58
C HIS A 3 -0.02 0.04 -20.05
N LYS A 4 -1.10 0.81 -20.15
CA LYS A 4 -1.11 2.18 -19.67
C LYS A 4 -2.26 2.43 -18.72
N SER A 5 -1.94 3.00 -17.56
CA SER A 5 -2.94 3.38 -16.57
C SER A 5 -2.86 4.88 -16.31
N SER A 6 -3.93 5.59 -16.64
N SER A 6 -3.93 5.59 -16.64
CA SER A 6 -4.02 7.01 -16.34
CA SER A 6 -4.03 7.02 -16.33
C SER A 6 -4.15 7.22 -14.83
C SER A 6 -4.14 7.23 -14.83
N LEU A 7 -3.59 8.32 -14.35
CA LEU A 7 -3.65 8.65 -12.93
C LEU A 7 -4.45 9.95 -12.74
N PRO A 8 -5.79 9.82 -12.64
CA PRO A 8 -6.65 11.02 -12.65
C PRO A 8 -6.46 11.93 -11.43
N GLU A 9 -5.91 11.40 -10.35
CA GLU A 9 -5.55 12.23 -9.19
C GLU A 9 -4.03 12.31 -9.04
N GLY A 10 -3.32 11.86 -10.08
CA GLY A 10 -1.87 11.78 -10.06
C GLY A 10 -1.39 10.84 -8.97
N ILE A 11 -0.21 11.12 -8.44
CA ILE A 11 0.36 10.35 -7.35
C ILE A 11 0.68 11.31 -6.21
N ARG A 12 0.13 11.02 -5.03
CA ARG A 12 0.41 11.83 -3.83
C ARG A 12 1.05 10.93 -2.78
N PRO A 13 1.69 11.54 -1.76
CA PRO A 13 2.19 10.67 -0.68
C PRO A 13 1.03 9.88 -0.10
N GLY A 14 1.19 8.56 -0.07
CA GLY A 14 0.10 7.67 0.34
C GLY A 14 -0.52 6.88 -0.82
N THR A 15 -0.24 7.29 -2.05
CA THR A 15 -0.70 6.53 -3.22
C THR A 15 0.10 5.23 -3.35
N VAL A 16 -0.64 4.14 -3.55
CA VAL A 16 -0.04 2.81 -3.70
C VAL A 16 -0.38 2.23 -5.05
N LEU A 17 0.65 1.84 -5.79
CA LEU A 17 0.47 1.12 -7.04
C LEU A 17 0.75 -0.34 -6.77
N ARG A 18 -0.26 -1.19 -7.00
N ARG A 18 -0.26 -1.19 -7.01
CA ARG A 18 -0.06 -2.62 -6.88
CA ARG A 18 -0.11 -2.64 -6.86
C ARG A 18 -0.02 -3.22 -8.28
C ARG A 18 -0.06 -3.28 -8.25
N ILE A 19 1.08 -3.87 -8.58
CA ILE A 19 1.30 -4.47 -9.90
C ILE A 19 1.48 -5.96 -9.73
N ARG A 20 0.60 -6.73 -10.38
CA ARG A 20 0.64 -8.18 -10.32
C ARG A 20 0.84 -8.73 -11.73
N GLY A 21 1.66 -9.76 -11.84
CA GLY A 21 1.87 -10.38 -13.14
C GLY A 21 2.68 -11.65 -13.07
N LEU A 22 2.95 -12.21 -14.24
CA LEU A 22 3.79 -13.39 -14.37
C LEU A 22 5.05 -13.05 -15.15
N VAL A 23 6.18 -13.48 -14.63
CA VAL A 23 7.43 -13.47 -15.40
C VAL A 23 7.44 -14.78 -16.20
N PRO A 24 7.31 -14.68 -17.55
CA PRO A 24 7.21 -15.88 -18.38
C PRO A 24 8.53 -16.67 -18.48
N PRO A 25 8.48 -17.92 -18.96
CA PRO A 25 9.71 -18.67 -19.17
C PRO A 25 10.68 -17.88 -20.04
N ASN A 26 11.96 -17.94 -19.68
N ASN A 26 11.96 -17.91 -19.66
CA ASN A 26 13.04 -17.26 -20.42
CA ASN A 26 13.06 -17.28 -20.41
C ASN A 26 12.77 -15.79 -20.70
C ASN A 26 12.93 -15.76 -20.60
N ALA A 27 12.14 -15.12 -19.75
CA ALA A 27 11.93 -13.67 -19.83
C ALA A 27 13.27 -12.94 -19.78
N SER A 28 13.40 -11.89 -20.58
CA SER A 28 14.63 -11.10 -20.60
C SER A 28 14.59 -10.02 -19.52
N ARG A 29 13.61 -9.12 -19.62
CA ARG A 29 13.50 -7.98 -18.72
C ARG A 29 12.17 -7.26 -18.96
N PHE A 30 11.68 -6.58 -17.93
CA PHE A 30 10.47 -5.79 -18.08
C PHE A 30 10.57 -4.53 -17.22
N HIS A 31 9.61 -3.62 -17.36
CA HIS A 31 9.68 -2.37 -16.62
C HIS A 31 8.32 -1.81 -16.24
N VAL A 32 8.32 -1.05 -15.15
CA VAL A 32 7.19 -0.21 -14.74
C VAL A 32 7.71 1.23 -14.78
N ASN A 33 7.04 2.08 -15.58
CA ASN A 33 7.41 3.49 -15.69
C ASN A 33 6.35 4.40 -15.12
N LEU A 34 6.79 5.37 -14.34
CA LEU A 34 5.92 6.44 -13.85
C LEU A 34 6.25 7.68 -14.66
N LEU A 35 5.34 8.02 -15.57
CA LEU A 35 5.62 9.01 -16.62
C LEU A 35 4.91 10.33 -16.40
N CYS A 36 5.49 11.39 -16.95
CA CYS A 36 5.01 12.77 -16.72
C CYS A 36 4.14 13.29 -17.86
N GLY A 37 3.87 12.42 -18.84
CA GLY A 37 3.04 12.74 -19.98
C GLY A 37 2.68 11.51 -20.79
N GLU A 38 1.67 11.64 -21.66
CA GLU A 38 1.22 10.55 -22.52
C GLU A 38 2.07 10.40 -23.78
N GLU A 39 2.75 11.47 -24.15
CA GLU A 39 3.54 11.50 -25.37
C GLU A 39 4.72 10.53 -25.27
N GLN A 40 5.01 9.86 -26.38
CA GLN A 40 6.20 9.04 -26.52
C GLN A 40 7.43 9.90 -26.18
N GLY A 41 8.25 9.42 -25.25
CA GLY A 41 9.46 10.14 -24.86
C GLY A 41 9.33 11.09 -23.68
N SER A 42 8.16 11.10 -23.03
N SER A 42 8.15 11.08 -23.04
CA SER A 42 7.92 11.96 -21.88
CA SER A 42 7.90 11.92 -21.85
C SER A 42 8.80 11.55 -20.70
C SER A 42 8.83 11.55 -20.71
N ASP A 43 9.08 12.51 -19.82
CA ASP A 43 9.95 12.28 -18.64
C ASP A 43 9.45 11.15 -17.75
N ALA A 44 10.40 10.38 -17.21
CA ALA A 44 10.08 9.30 -16.28
C ALA A 44 10.57 9.67 -14.89
N ALA A 45 9.65 9.79 -13.95
CA ALA A 45 10.00 10.02 -12.54
C ALA A 45 10.60 8.76 -11.93
N LEU A 46 10.14 7.61 -12.42
CA LEU A 46 10.68 6.31 -12.03
C LEU A 46 10.60 5.32 -13.18
N HIS A 47 11.72 4.65 -13.43
CA HIS A 47 11.82 3.52 -14.35
C HIS A 47 12.31 2.39 -13.45
N PHE A 48 11.43 1.41 -13.23
CA PHE A 48 11.69 0.26 -12.39
C PHE A 48 11.84 -0.94 -13.32
N ASN A 49 13.05 -1.51 -13.35
CA ASN A 49 13.45 -2.40 -14.45
C ASN A 49 14.10 -3.72 -13.98
N PRO A 50 13.26 -4.74 -13.65
CA PRO A 50 13.82 -6.07 -13.38
C PRO A 50 14.42 -6.70 -14.62
N ARG A 51 15.69 -7.07 -14.53
CA ARG A 51 16.43 -7.65 -15.65
C ARG A 51 16.79 -9.09 -15.31
N LEU A 52 15.97 -10.01 -15.80
CA LEU A 52 16.17 -11.43 -15.55
C LEU A 52 17.41 -11.95 -16.26
N ASP A 53 17.71 -11.38 -17.43
CA ASP A 53 18.84 -11.85 -18.24
C ASP A 53 20.23 -11.51 -17.66
N THR A 54 20.30 -10.47 -16.82
CA THR A 54 21.54 -10.04 -16.19
C THR A 54 21.49 -10.12 -14.67
N SER A 55 20.35 -10.57 -14.14
CA SER A 55 20.13 -10.70 -12.70
C SER A 55 20.37 -9.39 -11.93
N GLU A 56 19.74 -8.32 -12.41
CA GLU A 56 19.78 -7.01 -11.76
C GLU A 56 18.38 -6.43 -11.77
N VAL A 57 18.08 -5.57 -10.80
CA VAL A 57 16.89 -4.71 -10.86
C VAL A 57 17.36 -3.25 -10.87
N VAL A 58 17.16 -2.58 -11.99
CA VAL A 58 17.62 -1.21 -12.20
C VAL A 58 16.52 -0.19 -11.90
N PHE A 59 16.89 0.88 -11.19
CA PHE A 59 16.03 2.02 -10.95
C PHE A 59 16.66 3.24 -11.61
N ASN A 60 15.87 4.01 -12.35
CA ASN A 60 16.40 5.24 -12.96
C ASN A 60 15.29 6.25 -13.25
N SER A 61 15.70 7.44 -13.67
CA SER A 61 14.81 8.50 -14.11
C SER A 61 15.24 8.99 -15.48
N LYS A 62 14.34 9.66 -16.18
CA LYS A 62 14.64 10.19 -17.52
C LYS A 62 14.04 11.59 -17.64
N GLU A 63 14.88 12.55 -18.05
CA GLU A 63 14.47 13.95 -18.20
C GLU A 63 15.00 14.50 -19.51
N GLN A 64 14.10 15.11 -20.29
CA GLN A 64 14.42 15.59 -21.65
C GLN A 64 15.19 14.56 -22.49
N GLY A 65 14.76 13.30 -22.41
CA GLY A 65 15.39 12.21 -23.17
C GLY A 65 16.71 11.67 -22.64
N SER A 66 17.20 12.26 -21.54
N SER A 66 17.18 12.23 -21.52
CA SER A 66 18.46 11.83 -20.92
CA SER A 66 18.46 11.84 -20.93
C SER A 66 18.21 11.00 -19.68
C SER A 66 18.26 11.04 -19.65
N TRP A 67 18.91 9.88 -19.57
CA TRP A 67 18.83 9.03 -18.39
C TRP A 67 19.68 9.57 -17.25
N GLY A 68 19.20 9.39 -16.02
CA GLY A 68 19.98 9.72 -14.84
C GLY A 68 20.94 8.60 -14.49
N ARG A 69 21.51 8.68 -13.29
CA ARG A 69 22.38 7.61 -12.80
C ARG A 69 21.54 6.46 -12.25
N GLU A 70 21.83 5.25 -12.72
CA GLU A 70 21.10 4.06 -12.27
C GLU A 70 21.37 3.77 -10.80
N GLU A 71 20.31 3.35 -10.10
CA GLU A 71 20.43 2.70 -8.80
C GLU A 71 20.09 1.23 -9.02
N ARG A 72 20.70 0.36 -8.21
CA ARG A 72 20.43 -1.08 -8.32
C ARG A 72 19.96 -1.63 -6.99
N GLY A 73 18.92 -2.45 -7.03
CA GLY A 73 18.37 -3.07 -5.83
C GLY A 73 19.21 -4.26 -5.36
N PRO A 74 18.99 -4.69 -4.10
CA PRO A 74 19.74 -5.79 -3.50
C PRO A 74 19.19 -7.16 -3.90
N GLY A 75 19.77 -7.74 -4.94
CA GLY A 75 19.32 -9.04 -5.45
C GLY A 75 18.16 -8.89 -6.42
N VAL A 76 17.65 -10.02 -6.90
CA VAL A 76 16.53 -10.03 -7.86
C VAL A 76 15.37 -10.86 -7.31
N PRO A 77 14.37 -10.19 -6.72
CA PRO A 77 13.24 -10.90 -6.14
C PRO A 77 12.17 -11.25 -7.19
N PHE A 78 12.65 -11.77 -8.32
CA PHE A 78 11.78 -12.24 -9.41
C PHE A 78 12.37 -13.52 -9.99
N GLN A 79 11.50 -14.42 -10.44
CA GLN A 79 11.92 -15.66 -11.08
C GLN A 79 11.10 -15.97 -12.32
N ARG A 80 11.78 -16.38 -13.38
CA ARG A 80 11.13 -16.87 -14.58
C ARG A 80 10.21 -18.02 -14.21
N GLY A 81 8.97 -17.95 -14.67
CA GLY A 81 7.95 -18.96 -14.38
C GLY A 81 7.16 -18.72 -13.10
N GLN A 82 7.42 -17.62 -12.40
CA GLN A 82 6.74 -17.32 -11.14
C GLN A 82 5.95 -16.02 -11.18
N PRO A 83 4.76 -16.02 -10.54
CA PRO A 83 3.99 -14.77 -10.40
C PRO A 83 4.65 -13.84 -9.39
N PHE A 84 4.36 -12.55 -9.48
CA PHE A 84 4.87 -11.55 -8.54
C PHE A 84 3.79 -10.55 -8.14
N GLU A 85 4.02 -9.91 -7.00
CA GLU A 85 3.23 -8.76 -6.59
C GLU A 85 4.18 -7.66 -6.12
N VAL A 86 4.13 -6.51 -6.79
CA VAL A 86 4.96 -5.37 -6.44
C VAL A 86 4.08 -4.23 -5.92
N LEU A 87 4.50 -3.59 -4.83
CA LEU A 87 3.93 -2.33 -4.41
C LEU A 87 4.93 -1.22 -4.69
N ILE A 88 4.49 -0.19 -5.40
CA ILE A 88 5.25 1.05 -5.46
C ILE A 88 4.46 2.06 -4.65
N ILE A 89 5.03 2.47 -3.52
CA ILE A 89 4.34 3.29 -2.53
C ILE A 89 5.01 4.67 -2.51
N ALA A 90 4.23 5.71 -2.78
CA ALA A 90 4.75 7.07 -2.74
C ALA A 90 4.75 7.64 -1.32
N SER A 91 5.88 8.22 -0.95
CA SER A 91 5.99 9.00 0.28
C SER A 91 6.45 10.41 -0.08
N ASP A 92 6.57 11.27 0.92
CA ASP A 92 7.11 12.60 0.71
C ASP A 92 8.55 12.59 0.19
N ASP A 93 9.36 11.63 0.61
N ASP A 93 9.34 11.62 0.63
CA ASP A 93 10.79 11.61 0.25
CA ASP A 93 10.77 11.52 0.32
C ASP A 93 11.19 10.70 -0.93
C ASP A 93 11.07 10.84 -1.02
N GLY A 94 10.30 9.81 -1.33
CA GLY A 94 10.58 8.96 -2.50
C GLY A 94 9.56 7.87 -2.75
N PHE A 95 9.98 6.86 -3.51
CA PHE A 95 9.16 5.68 -3.75
C PHE A 95 9.74 4.49 -3.00
N LYS A 96 8.88 3.77 -2.29
CA LYS A 96 9.27 2.51 -1.67
C LYS A 96 8.80 1.37 -2.55
N ALA A 97 9.73 0.53 -2.97
CA ALA A 97 9.40 -0.66 -3.74
C ALA A 97 9.36 -1.86 -2.81
N VAL A 98 8.20 -2.53 -2.76
CA VAL A 98 7.99 -3.75 -2.01
C VAL A 98 7.74 -4.88 -3.01
N VAL A 99 8.46 -5.99 -2.84
CA VAL A 99 8.25 -7.15 -3.69
C VAL A 99 7.93 -8.35 -2.81
N GLY A 100 6.79 -8.99 -3.09
CA GLY A 100 6.26 -10.06 -2.26
C GLY A 100 5.95 -9.56 -0.87
N ASP A 101 6.62 -10.13 0.12
CA ASP A 101 6.40 -9.76 1.51
C ASP A 101 7.57 -8.99 2.10
N ALA A 102 8.35 -8.32 1.25
CA ALA A 102 9.57 -7.68 1.73
C ALA A 102 9.85 -6.33 1.10
N GLN A 103 10.17 -5.35 1.96
CA GLN A 103 10.67 -4.07 1.52
C GLN A 103 11.95 -4.30 0.73
N TYR A 104 12.02 -3.70 -0.46
CA TYR A 104 13.12 -3.99 -1.40
C TYR A 104 14.06 -2.82 -1.63
N HIS A 105 13.51 -1.65 -1.98
CA HIS A 105 14.34 -0.50 -2.30
C HIS A 105 13.59 0.81 -2.09
N HIS A 106 14.34 1.85 -1.72
CA HIS A 106 13.81 3.21 -1.63
C HIS A 106 14.50 4.08 -2.67
N PHE A 107 13.70 4.71 -3.53
CA PHE A 107 14.18 5.57 -4.61
C PHE A 107 13.80 7.00 -4.28
N ARG A 108 14.79 7.82 -3.94
CA ARG A 108 14.55 9.22 -3.59
C ARG A 108 14.04 9.98 -4.80
N HIS A 109 13.04 10.85 -4.60
CA HIS A 109 12.47 11.63 -5.70
C HIS A 109 13.54 12.44 -6.41
N ARG A 110 13.51 12.36 -7.74
CA ARG A 110 14.41 13.13 -8.57
C ARG A 110 13.62 14.18 -9.36
N LEU A 111 12.35 13.85 -9.59
CA LEU A 111 11.38 14.75 -10.23
C LEU A 111 10.22 14.95 -9.26
N PRO A 112 9.49 16.09 -9.38
CA PRO A 112 8.35 16.29 -8.47
C PRO A 112 7.27 15.21 -8.63
N LEU A 113 6.81 14.67 -7.52
CA LEU A 113 5.66 13.74 -7.52
C LEU A 113 4.50 14.29 -8.32
N ALA A 114 4.27 15.59 -8.18
CA ALA A 114 3.16 16.28 -8.84
C ALA A 114 3.16 16.18 -10.36
N ARG A 115 4.32 15.89 -10.95
CA ARG A 115 4.44 15.79 -12.42
C ARG A 115 3.93 14.47 -13.00
N VAL A 116 3.83 13.43 -12.17
CA VAL A 116 3.46 12.09 -12.65
C VAL A 116 2.00 12.02 -13.10
N ARG A 117 1.78 11.52 -14.32
CA ARG A 117 0.46 11.48 -14.94
C ARG A 117 0.00 10.08 -15.34
N LEU A 118 0.94 9.17 -15.58
CA LEU A 118 0.65 7.88 -16.19
C LEU A 118 1.56 6.79 -15.61
N VAL A 119 1.02 5.56 -15.49
CA VAL A 119 1.81 4.36 -15.21
C VAL A 119 1.83 3.48 -16.46
N GLU A 120 3.03 3.11 -16.91
CA GLU A 120 3.17 2.21 -18.05
C GLU A 120 3.94 0.95 -17.66
N VAL A 121 3.41 -0.19 -18.08
CA VAL A 121 4.10 -1.47 -17.89
C VAL A 121 4.44 -2.05 -19.26
N GLY A 122 5.73 -2.35 -19.47
CA GLY A 122 6.21 -2.85 -20.76
C GLY A 122 7.29 -3.90 -20.66
N GLY A 123 7.67 -4.45 -21.80
CA GLY A 123 8.70 -5.48 -21.87
C GLY A 123 8.18 -6.90 -21.74
N ASP A 124 9.07 -7.80 -21.32
CA ASP A 124 8.79 -9.24 -21.30
C ASP A 124 8.14 -9.65 -19.97
N VAL A 125 6.87 -9.26 -19.83
CA VAL A 125 6.08 -9.58 -18.64
C VAL A 125 4.65 -9.85 -19.07
N GLN A 126 3.96 -10.73 -18.36
CA GLN A 126 2.56 -11.00 -18.65
C GLN A 126 1.71 -10.45 -17.52
N LEU A 127 1.23 -9.24 -17.73
CA LEU A 127 0.59 -8.46 -16.69
C LEU A 127 -0.77 -9.03 -16.31
N ASP A 128 -1.00 -9.17 -15.00
CA ASP A 128 -2.32 -9.49 -14.48
C ASP A 128 -3.08 -8.18 -14.29
N SER A 129 -2.64 -7.34 -13.35
CA SER A 129 -3.33 -6.08 -13.10
C SER A 129 -2.42 -4.99 -12.54
N VAL A 130 -2.83 -3.76 -12.81
CA VAL A 130 -2.30 -2.59 -12.11
C VAL A 130 -3.47 -1.96 -11.38
N ARG A 131 -3.34 -1.85 -10.06
CA ARG A 131 -4.36 -1.17 -9.25
C ARG A 131 -3.75 0.02 -8.52
N ILE A 132 -4.54 1.09 -8.41
CA ILE A 132 -4.13 2.32 -7.74
C ILE A 132 -4.97 2.47 -6.47
N PHE A 133 -4.30 2.47 -5.33
CA PHE A 133 -4.96 2.58 -4.02
C PHE A 133 -4.53 3.83 -3.25
N VAL B 1 -5.85 -12.49 18.45
CA VAL B 1 -4.49 -12.76 18.97
C VAL B 1 -3.74 -11.46 19.26
N PRO B 2 -4.20 -10.72 20.30
CA PRO B 2 -3.77 -9.35 20.60
C PRO B 2 -2.41 -9.04 19.96
N HIS B 3 -2.43 -8.76 18.66
CA HIS B 3 -1.20 -8.52 17.91
C HIS B 3 -0.80 -7.07 18.04
N LYS B 4 0.47 -6.85 18.34
CA LYS B 4 1.00 -5.50 18.51
C LYS B 4 2.14 -5.24 17.54
N SER B 5 2.06 -4.10 16.86
CA SER B 5 3.17 -3.60 16.06
C SER B 5 3.58 -2.26 16.66
N SER B 6 4.77 -2.24 17.25
N SER B 6 4.76 -2.23 17.27
CA SER B 6 5.29 -1.03 17.89
CA SER B 6 5.25 -1.02 17.90
C SER B 6 5.90 -0.09 16.85
C SER B 6 5.90 -0.09 16.88
N LEU B 7 5.49 1.17 16.90
CA LEU B 7 6.00 2.19 15.98
C LEU B 7 6.53 3.41 16.73
N PRO B 8 7.64 3.25 17.49
CA PRO B 8 8.18 4.37 18.26
C PRO B 8 8.64 5.54 17.37
N GLU B 9 9.04 5.21 16.14
CA GLU B 9 9.50 6.21 15.17
C GLU B 9 8.33 6.92 14.48
N GLY B 10 7.12 6.40 14.71
CA GLY B 10 5.91 6.94 14.09
C GLY B 10 5.72 6.47 12.66
N ILE B 11 4.63 6.93 12.05
CA ILE B 11 4.33 6.63 10.64
C ILE B 11 4.03 7.90 9.87
N ARG B 12 4.40 7.92 8.59
CA ARG B 12 4.24 9.09 7.74
C ARG B 12 3.30 8.79 6.57
N PRO B 13 2.85 9.84 5.84
CA PRO B 13 2.11 9.58 4.60
C PRO B 13 2.87 8.60 3.71
N GLY B 14 2.20 7.55 3.27
CA GLY B 14 2.84 6.49 2.51
C GLY B 14 3.09 5.23 3.33
N THR B 15 2.44 5.14 4.49
CA THR B 15 2.52 3.95 5.32
C THR B 15 1.39 3.00 4.90
N VAL B 16 1.75 1.73 4.73
CA VAL B 16 0.78 0.70 4.34
C VAL B 16 0.77 -0.38 5.40
N LEU B 17 -0.38 -0.57 6.04
CA LEU B 17 -0.61 -1.67 6.94
C LEU B 17 -1.37 -2.76 6.17
N ARG B 18 -0.74 -3.93 6.05
CA ARG B 18 -1.28 -5.05 5.29
C ARG B 18 -1.60 -6.20 6.23
N ILE B 19 -2.89 -6.54 6.31
CA ILE B 19 -3.35 -7.59 7.21
C ILE B 19 -3.96 -8.73 6.39
N ARG B 20 -3.45 -9.93 6.61
CA ARG B 20 -3.96 -11.14 5.95
C ARG B 20 -4.40 -12.12 7.02
N GLY B 21 -5.65 -12.55 6.94
CA GLY B 21 -6.19 -13.40 7.97
C GLY B 21 -7.45 -14.16 7.60
N LEU B 22 -8.06 -14.74 8.62
CA LEU B 22 -9.25 -15.56 8.48
C LEU B 22 -10.24 -15.18 9.58
N VAL B 23 -11.49 -14.95 9.19
CA VAL B 23 -12.57 -14.72 10.16
C VAL B 23 -13.04 -16.09 10.64
N PRO B 24 -12.93 -16.38 11.95
CA PRO B 24 -13.36 -17.67 12.50
C PRO B 24 -14.86 -17.95 12.29
N PRO B 25 -15.25 -19.25 12.26
CA PRO B 25 -16.64 -19.67 12.03
C PRO B 25 -17.68 -19.06 12.96
N ASN B 26 -17.30 -18.83 14.22
N ASN B 26 -17.32 -18.84 14.23
CA ASN B 26 -18.21 -18.26 15.21
CA ASN B 26 -18.24 -18.25 15.20
C ASN B 26 -17.82 -16.84 15.64
C ASN B 26 -17.77 -16.86 15.65
N ALA B 27 -17.16 -16.11 14.74
CA ALA B 27 -16.67 -14.77 15.04
C ALA B 27 -17.80 -13.77 15.24
N SER B 28 -17.62 -12.87 16.19
N SER B 28 -17.62 -12.86 16.18
CA SER B 28 -18.57 -11.79 16.42
CA SER B 28 -18.58 -11.78 16.40
C SER B 28 -18.02 -10.48 15.83
C SER B 28 -18.02 -10.48 15.83
N ARG B 29 -16.87 -10.06 16.35
CA ARG B 29 -16.23 -8.81 15.93
C ARG B 29 -14.71 -8.92 16.02
N PHE B 30 -14.01 -8.13 15.22
CA PHE B 30 -12.57 -7.92 15.41
C PHE B 30 -12.23 -6.45 15.15
N HIS B 31 -11.02 -6.03 15.50
CA HIS B 31 -10.68 -4.61 15.39
C HIS B 31 -9.22 -4.37 15.05
N VAL B 32 -8.97 -3.22 14.43
CA VAL B 32 -7.64 -2.72 14.19
C VAL B 32 -7.58 -1.32 14.79
N ASN B 33 -6.68 -1.12 15.74
CA ASN B 33 -6.47 0.17 16.38
C ASN B 33 -5.13 0.80 16.03
N LEU B 34 -5.17 2.07 15.66
CA LEU B 34 -3.97 2.88 15.52
C LEU B 34 -3.95 3.85 16.68
N LEU B 35 -3.05 3.61 17.63
CA LEU B 35 -3.03 4.31 18.90
C LEU B 35 -1.85 5.24 19.03
N CYS B 36 -1.99 6.23 19.90
CA CYS B 36 -0.98 7.29 20.04
C CYS B 36 0.10 6.97 21.08
N GLY B 37 0.05 5.74 21.61
CA GLY B 37 0.99 5.27 22.63
C GLY B 37 0.48 3.99 23.26
N GLU B 38 1.32 3.32 24.03
CA GLU B 38 0.95 2.02 24.62
C GLU B 38 0.36 2.12 26.03
N GLU B 39 0.25 3.35 26.54
CA GLU B 39 -0.39 3.59 27.83
C GLU B 39 -1.91 3.36 27.75
N GLN B 40 -2.50 3.01 28.89
CA GLN B 40 -3.94 2.83 29.01
C GLN B 40 -4.64 4.16 28.74
N GLY B 41 -5.61 4.15 27.82
CA GLY B 41 -6.40 5.33 27.51
C GLY B 41 -5.76 6.28 26.52
N SER B 42 -4.74 5.82 25.80
CA SER B 42 -4.12 6.62 24.76
C SER B 42 -5.11 6.86 23.63
N ASP B 43 -5.03 8.04 23.01
CA ASP B 43 -5.91 8.39 21.90
C ASP B 43 -5.80 7.37 20.77
N ALA B 44 -6.92 7.14 20.10
CA ALA B 44 -6.95 6.30 18.92
C ALA B 44 -7.16 7.16 17.69
N ALA B 45 -6.18 7.19 16.80
CA ALA B 45 -6.30 7.91 15.53
C ALA B 45 -7.32 7.21 14.64
N LEU B 46 -7.35 5.88 14.74
CA LEU B 46 -8.28 5.05 13.98
C LEU B 46 -8.62 3.79 14.76
N HIS B 47 -9.92 3.53 14.85
CA HIS B 47 -10.47 2.28 15.35
C HIS B 47 -11.31 1.72 14.21
N PHE B 48 -10.87 0.60 13.65
CA PHE B 48 -11.52 -0.05 12.50
C PHE B 48 -12.14 -1.34 13.01
N ASN B 49 -13.47 -1.45 12.93
CA ASN B 49 -14.22 -2.46 13.68
C ASN B 49 -15.25 -3.23 12.83
N PRO B 50 -14.82 -4.29 12.12
CA PRO B 50 -15.78 -5.18 11.44
C PRO B 50 -16.63 -5.94 12.44
N ARG B 51 -17.95 -5.90 12.26
CA ARG B 51 -18.88 -6.54 13.17
C ARG B 51 -19.73 -7.56 12.41
N LEU B 52 -19.36 -8.83 12.52
CA LEU B 52 -20.08 -9.91 11.84
C LEU B 52 -21.46 -10.15 12.44
N ASP B 53 -21.58 -9.94 13.75
CA ASP B 53 -22.84 -10.17 14.47
C ASP B 53 -23.94 -9.18 14.07
N THR B 54 -23.55 -7.95 13.76
CA THR B 54 -24.51 -6.90 13.40
C THR B 54 -24.34 -6.42 11.96
N SER B 55 -23.53 -7.15 11.18
CA SER B 55 -23.29 -6.86 9.77
C SER B 55 -22.97 -5.39 9.47
N GLU B 56 -22.01 -4.83 10.20
CA GLU B 56 -21.53 -3.47 9.94
C GLU B 56 -20.02 -3.40 10.07
N VAL B 57 -19.43 -2.38 9.46
CA VAL B 57 -18.04 -2.01 9.73
C VAL B 57 -18.03 -0.58 10.24
N VAL B 58 -17.65 -0.41 11.50
CA VAL B 58 -17.65 0.89 12.15
C VAL B 58 -16.22 1.45 12.24
N PHE B 59 -16.08 2.72 11.85
CA PHE B 59 -14.82 3.48 11.98
C PHE B 59 -15.02 4.56 13.03
N ASN B 60 -14.01 4.76 13.89
CA ASN B 60 -14.07 5.88 14.82
C ASN B 60 -12.69 6.30 15.29
N SER B 61 -12.64 7.42 16.01
CA SER B 61 -11.46 7.85 16.73
C SER B 61 -11.83 7.98 18.20
N LYS B 62 -10.81 8.04 19.05
CA LYS B 62 -11.01 8.26 20.48
C LYS B 62 -10.03 9.34 20.94
N GLU B 63 -10.55 10.39 21.57
CA GLU B 63 -9.75 11.53 22.00
C GLU B 63 -10.12 11.90 23.43
N GLN B 64 -9.10 12.01 24.28
CA GLN B 64 -9.28 12.32 25.71
C GLN B 64 -10.35 11.45 26.35
N GLY B 65 -10.35 10.17 25.99
CA GLY B 65 -11.23 9.16 26.57
C GLY B 65 -12.63 9.06 25.99
N SER B 66 -12.92 9.86 24.98
CA SER B 66 -14.27 9.91 24.39
C SER B 66 -14.26 9.45 22.94
N TRP B 67 -15.20 8.57 22.62
CA TRP B 67 -15.40 8.16 21.23
C TRP B 67 -15.89 9.33 20.40
N GLY B 68 -15.37 9.44 19.18
CA GLY B 68 -15.81 10.48 18.25
C GLY B 68 -17.06 10.07 17.50
N ARG B 69 -17.32 10.71 16.36
N ARG B 69 -17.29 10.68 16.35
CA ARG B 69 -18.46 10.34 15.53
CA ARG B 69 -18.44 10.36 15.53
C ARG B 69 -18.14 9.08 14.74
C ARG B 69 -18.16 9.09 14.71
N GLU B 70 -19.03 8.10 14.83
CA GLU B 70 -18.90 6.87 14.07
C GLU B 70 -19.13 7.11 12.58
N GLU B 71 -18.31 6.46 11.77
CA GLU B 71 -18.54 6.39 10.33
C GLU B 71 -18.70 4.92 9.98
N ARG B 72 -19.60 4.63 9.06
CA ARG B 72 -19.83 3.26 8.61
C ARG B 72 -19.50 3.10 7.13
N GLY B 73 -18.78 2.03 6.81
CA GLY B 73 -18.63 1.61 5.42
C GLY B 73 -19.93 0.98 4.95
N PRO B 74 -20.07 0.77 3.63
CA PRO B 74 -21.30 0.11 3.17
C PRO B 74 -21.28 -1.40 3.43
N GLY B 75 -22.34 -1.91 4.05
CA GLY B 75 -22.50 -3.34 4.33
C GLY B 75 -21.41 -3.92 5.20
N VAL B 76 -20.96 -5.13 4.83
CA VAL B 76 -19.87 -5.82 5.55
C VAL B 76 -19.11 -6.77 4.59
N PRO B 77 -17.93 -6.34 4.12
CA PRO B 77 -17.13 -7.14 3.18
C PRO B 77 -16.30 -8.22 3.89
N PHE B 78 -16.90 -8.85 4.89
CA PHE B 78 -16.30 -9.94 5.64
C PHE B 78 -17.37 -10.98 5.93
N GLN B 79 -16.97 -12.23 6.00
CA GLN B 79 -17.87 -13.29 6.45
C GLN B 79 -17.15 -14.38 7.22
N ARG B 80 -17.87 -14.98 8.17
CA ARG B 80 -17.38 -16.07 8.99
C ARG B 80 -16.88 -17.23 8.12
N GLY B 81 -15.70 -17.73 8.45
CA GLY B 81 -15.10 -18.85 7.72
C GLY B 81 -14.34 -18.50 6.46
N GLN B 82 -14.28 -17.21 6.12
CA GLN B 82 -13.61 -16.78 4.89
C GLN B 82 -12.34 -15.95 5.12
N PRO B 83 -11.30 -16.18 4.30
CA PRO B 83 -10.07 -15.40 4.42
C PRO B 83 -10.21 -14.01 3.81
N PHE B 84 -9.39 -13.07 4.29
CA PHE B 84 -9.45 -11.68 3.83
C PHE B 84 -8.06 -11.07 3.73
N GLU B 85 -7.98 -9.98 2.96
CA GLU B 85 -6.82 -9.10 2.99
C GLU B 85 -7.31 -7.66 3.17
N VAL B 86 -6.71 -6.96 4.12
CA VAL B 86 -7.03 -5.56 4.38
C VAL B 86 -5.77 -4.72 4.27
N LEU B 87 -5.87 -3.61 3.54
CA LEU B 87 -4.87 -2.56 3.59
C LEU B 87 -5.45 -1.36 4.32
N ILE B 88 -4.67 -0.81 5.24
CA ILE B 88 -4.94 0.51 5.80
C ILE B 88 -3.78 1.39 5.37
N ILE B 89 -4.07 2.37 4.53
CA ILE B 89 -3.06 3.21 3.90
C ILE B 89 -3.18 4.63 4.43
N ALA B 90 -2.08 5.16 4.95
CA ALA B 90 -2.06 6.53 5.47
C ALA B 90 -1.56 7.53 4.44
N SER B 91 -2.34 8.57 4.22
CA SER B 91 -1.94 9.74 3.42
C SER B 91 -1.98 10.98 4.31
N ASP B 92 -1.76 12.15 3.70
N ASP B 92 -1.79 12.16 3.72
CA ASP B 92 -1.89 13.46 4.35
CA ASP B 92 -1.86 13.39 4.50
C ASP B 92 -3.30 13.69 4.85
C ASP B 92 -3.31 13.83 4.76
N ASP B 93 -4.26 13.17 4.09
CA ASP B 93 -5.68 13.50 4.26
C ASP B 93 -6.45 12.54 5.16
N GLY B 94 -6.00 11.29 5.22
CA GLY B 94 -6.69 10.29 6.02
C GLY B 94 -6.16 8.88 5.86
N PHE B 95 -6.98 7.92 6.30
CA PHE B 95 -6.67 6.51 6.14
C PHE B 95 -7.63 5.92 5.13
N LYS B 96 -7.08 5.25 4.12
CA LYS B 96 -7.90 4.52 3.18
C LYS B 96 -7.89 3.03 3.51
N ALA B 97 -9.09 2.47 3.68
CA ALA B 97 -9.26 1.05 3.95
C ALA B 97 -9.61 0.34 2.65
N VAL B 98 -8.78 -0.64 2.29
CA VAL B 98 -8.98 -1.46 1.11
C VAL B 98 -9.28 -2.89 1.59
N VAL B 99 -10.38 -3.46 1.11
CA VAL B 99 -10.74 -4.83 1.47
C VAL B 99 -10.71 -5.68 0.20
N GLY B 100 -9.87 -6.71 0.21
CA GLY B 100 -9.59 -7.52 -0.96
C GLY B 100 -8.89 -6.69 -2.03
N ASP B 101 -9.62 -6.38 -3.10
CA ASP B 101 -9.08 -5.59 -4.19
C ASP B 101 -9.87 -4.29 -4.40
N ALA B 102 -10.71 -3.92 -3.43
CA ALA B 102 -11.55 -2.75 -3.60
C ALA B 102 -11.37 -1.69 -2.51
N GLN B 103 -11.25 -0.44 -2.94
CA GLN B 103 -11.31 0.69 -2.02
C GLN B 103 -12.65 0.64 -1.31
N TYR B 104 -12.62 0.66 0.02
CA TYR B 104 -13.81 0.45 0.82
C TYR B 104 -14.30 1.71 1.54
N HIS B 105 -13.38 2.39 2.23
CA HIS B 105 -13.74 3.59 2.98
C HIS B 105 -12.55 4.52 3.17
N HIS B 106 -12.81 5.82 3.12
CA HIS B 106 -11.79 6.82 3.38
C HIS B 106 -12.14 7.55 4.67
N PHE B 107 -11.35 7.30 5.70
CA PHE B 107 -11.53 7.91 7.01
C PHE B 107 -10.59 9.10 7.12
N ARG B 108 -11.14 10.31 7.04
N ARG B 108 -11.15 10.31 7.04
CA ARG B 108 -10.31 11.52 7.10
CA ARG B 108 -10.36 11.54 7.14
C ARG B 108 -9.78 11.72 8.51
C ARG B 108 -9.75 11.65 8.52
N HIS B 109 -8.54 12.20 8.60
CA HIS B 109 -7.85 12.38 9.89
C HIS B 109 -8.63 13.28 10.85
N ARG B 110 -8.76 12.83 12.08
CA ARG B 110 -9.36 13.67 13.12
C ARG B 110 -8.31 14.21 14.07
N LEU B 111 -7.19 13.50 14.16
CA LEU B 111 -6.03 13.99 14.91
C LEU B 111 -4.76 13.74 14.08
N PRO B 112 -3.64 14.44 14.40
CA PRO B 112 -2.44 14.36 13.56
C PRO B 112 -1.83 12.95 13.45
N LEU B 113 -1.57 12.52 12.21
CA LEU B 113 -1.00 11.20 11.96
C LEU B 113 0.31 11.03 12.71
N ALA B 114 1.05 12.13 12.84
CA ALA B 114 2.36 12.12 13.50
C ALA B 114 2.33 11.60 14.94
N ARG B 115 1.13 11.49 15.50
CA ARG B 115 0.97 11.02 16.88
C ARG B 115 0.90 9.49 17.03
N VAL B 116 0.64 8.78 15.94
CA VAL B 116 0.46 7.33 15.99
C VAL B 116 1.78 6.62 16.36
N ARG B 117 1.70 5.72 17.34
CA ARG B 117 2.88 5.04 17.88
C ARG B 117 2.73 3.52 17.96
N LEU B 118 1.53 3.02 17.72
CA LEU B 118 1.22 1.61 17.94
C LEU B 118 0.06 1.15 17.06
N VAL B 119 0.18 -0.06 16.50
CA VAL B 119 -0.93 -0.73 15.83
C VAL B 119 -1.34 -1.99 16.61
N GLU B 120 -2.62 -2.12 16.92
CA GLU B 120 -3.15 -3.31 17.59
C GLU B 120 -4.21 -3.99 16.73
N VAL B 121 -4.05 -5.30 16.53
CA VAL B 121 -5.08 -6.10 15.87
C VAL B 121 -5.56 -7.16 16.84
N GLY B 122 -6.86 -7.12 17.16
CA GLY B 122 -7.43 -8.04 18.14
C GLY B 122 -8.85 -8.45 17.85
N GLY B 123 -9.43 -9.22 18.76
CA GLY B 123 -10.81 -9.71 18.61
C GLY B 123 -10.88 -11.09 17.98
N ASP B 124 -12.02 -11.38 17.36
CA ASP B 124 -12.27 -12.69 16.75
C ASP B 124 -11.72 -12.74 15.34
N VAL B 125 -10.41 -12.99 15.25
CA VAL B 125 -9.71 -13.02 13.97
C VAL B 125 -8.49 -13.95 14.08
N GLN B 126 -8.25 -14.71 13.01
CA GLN B 126 -7.04 -15.52 12.89
C GLN B 126 -6.09 -14.80 11.95
N LEU B 127 -4.89 -14.50 12.44
CA LEU B 127 -3.94 -13.68 11.68
C LEU B 127 -2.81 -14.52 11.06
N ASP B 128 -2.72 -14.46 9.74
CA ASP B 128 -1.64 -15.11 9.02
C ASP B 128 -0.41 -14.20 8.97
N SER B 129 -0.63 -12.92 8.67
CA SER B 129 0.43 -11.92 8.67
C SER B 129 -0.10 -10.52 8.92
N VAL B 130 0.66 -9.75 9.70
CA VAL B 130 0.43 -8.33 9.90
C VAL B 130 1.74 -7.61 9.57
N ARG B 131 1.74 -6.85 8.48
CA ARG B 131 2.95 -6.15 8.04
C ARG B 131 2.74 -4.66 7.79
N ILE B 132 3.78 -3.89 8.05
CA ILE B 132 3.76 -2.45 7.79
C ILE B 132 4.90 -2.08 6.86
N PHE B 133 4.54 -1.45 5.74
CA PHE B 133 5.51 -1.04 4.74
C PHE B 133 5.58 0.48 4.65
#